data_6ZRB
#
_entry.id   6ZRB
#
_cell.length_a   60.935
_cell.length_b   65.989
_cell.length_c   107.318
_cell.angle_alpha   90.000
_cell.angle_beta   90.000
_cell.angle_gamma   90.000
#
_symmetry.space_group_name_H-M   'P 21 21 21'
#
loop_
_entity.id
_entity.type
_entity.pdbx_description
1 polymer 'Histone-lysine N-methyltransferase SMYD3'
2 non-polymer S-ADENOSYLMETHIONINE
3 non-polymer N-[1-(2-Chloroacetyl)piperidin-4-yl]-5-cyclopropyl-1,2-oxazole-3-carboxamide
4 non-polymer 'ACETATE ION'
5 non-polymer 'ZINC ION'
6 water water
#
_entity_poly.entity_id   1
_entity_poly.type   'polypeptide(L)'
_entity_poly.pdbx_seq_one_letter_code
;GSHMEPLKVEKFATANRGNGLRAVTPLRPGELLFRSDPLAYTVCKGSRGVVCDRCLLGKEKLMRCSQCRVAKYCSAKCQK
KAWPDHKRECKCLKSCKPRYPPDSVRLLGRVVFKLMDGAPSESEKLYSFYDLESNINKLTEDRKEGLRQLVMTFQHFMRE
EIQDASQLPPAFDLFEAFAKVICNSFTICNAEMQEVGVGLYPSISLLNHSCDPNCSIVFNGPHLLLRAVRDIEVGEELTI
CYLDMLMTSEERRKQLRDQYCFECDCFRCQTQDKDADMLTGDEQVWKEVQESLKKIEELKAHWKWEQVLAMCQAIISSNS
ERLPDINIYQLKVLDCAMDACINLGLLEEALFYGTRTMEPYRIFFPGSHPVRGVQVMKVGKLQLHQGMFPQAMKNLRLAF
DIMRVTHGREHSLIEDLILLLEECDANIRAS
;
_entity_poly.pdbx_strand_id   A
#
# COMPACT_ATOMS: atom_id res chain seq x y z
N PRO A 6 -14.86 14.59 18.69
CA PRO A 6 -16.10 14.28 17.94
C PRO A 6 -15.80 13.65 16.56
N LEU A 7 -16.20 12.40 16.33
CA LEU A 7 -15.86 11.71 15.07
C LEU A 7 -16.78 12.20 13.95
N LYS A 8 -16.23 12.27 12.74
CA LYS A 8 -16.93 12.67 11.50
C LYS A 8 -17.50 11.42 10.80
N VAL A 9 -17.17 10.24 11.32
CA VAL A 9 -17.54 8.93 10.71
C VAL A 9 -18.20 8.05 11.79
N GLU A 10 -19.02 7.10 11.37
CA GLU A 10 -19.63 6.11 12.29
C GLU A 10 -19.77 4.77 11.58
N LYS A 11 -19.61 3.71 12.36
CA LYS A 11 -19.98 2.34 11.96
C LYS A 11 -21.49 2.25 11.72
N PHE A 12 -21.90 1.53 10.69
CA PHE A 12 -23.33 1.18 10.45
C PHE A 12 -23.41 -0.18 9.76
N ALA A 13 -24.59 -0.79 9.83
CA ALA A 13 -24.91 -2.04 9.12
C ALA A 13 -25.44 -1.70 7.71
N THR A 14 -24.72 -2.07 6.65
CA THR A 14 -25.16 -1.83 5.27
C THR A 14 -26.24 -2.85 4.92
N ALA A 15 -26.97 -2.59 3.83
CA ALA A 15 -28.01 -3.48 3.30
C ALA A 15 -27.38 -4.80 2.85
N ASN A 16 -26.25 -4.77 2.14
CA ASN A 16 -25.74 -6.01 1.50
C ASN A 16 -24.23 -6.08 1.43
N ARG A 17 -23.50 -5.30 2.23
CA ARG A 17 -22.03 -5.44 2.24
C ARG A 17 -21.52 -5.45 3.69
N GLY A 18 -22.30 -6.02 4.59
CA GLY A 18 -21.93 -6.15 5.99
C GLY A 18 -21.83 -4.81 6.65
N ASN A 19 -20.88 -4.64 7.55
CA ASN A 19 -20.71 -3.35 8.25
C ASN A 19 -19.96 -2.40 7.34
N GLY A 20 -20.17 -1.10 7.56
CA GLY A 20 -19.45 -0.06 6.82
C GLY A 20 -19.24 1.17 7.65
N LEU A 21 -18.65 2.18 7.06
CA LEU A 21 -18.49 3.52 7.66
C LEU A 21 -19.32 4.52 6.85
N ARG A 22 -19.98 5.45 7.53
CA ARG A 22 -20.72 6.53 6.85
C ARG A 22 -20.43 7.86 7.56
N ALA A 23 -20.67 8.94 6.83
CA ALA A 23 -20.42 10.32 7.28
C ALA A 23 -21.47 10.70 8.33
N VAL A 24 -21.01 11.30 9.42
CA VAL A 24 -21.84 11.88 10.53
C VAL A 24 -22.14 13.34 10.17
N THR A 25 -21.22 13.96 9.44
CA THR A 25 -21.25 15.41 9.09
C THR A 25 -20.92 15.53 7.61
N PRO A 26 -21.30 16.63 6.91
CA PRO A 26 -20.89 16.81 5.52
C PRO A 26 -19.36 16.88 5.46
N LEU A 27 -18.76 16.20 4.49
CA LEU A 27 -17.29 16.15 4.32
C LEU A 27 -16.91 16.79 3.00
N ARG A 28 -15.76 17.46 2.99
CA ARG A 28 -15.22 18.11 1.78
C ARG A 28 -13.94 17.41 1.39
N PRO A 29 -13.54 17.47 0.11
CA PRO A 29 -12.26 16.92 -0.32
C PRO A 29 -11.11 17.42 0.56
N GLY A 30 -10.28 16.47 0.99
CA GLY A 30 -9.07 16.73 1.78
C GLY A 30 -9.34 16.67 3.27
N GLU A 31 -10.60 16.53 3.68
CA GLU A 31 -10.95 16.52 5.12
C GLU A 31 -10.35 15.27 5.76
N LEU A 32 -9.64 15.41 6.88
CA LEU A 32 -9.14 14.25 7.65
C LEU A 32 -10.31 13.60 8.41
N LEU A 33 -10.53 12.32 8.16
CA LEU A 33 -11.71 11.61 8.73
C LEU A 33 -11.27 10.74 9.89
N PHE A 34 -10.08 10.18 9.82
CA PHE A 34 -9.57 9.25 10.86
C PHE A 34 -8.08 9.09 10.66
N ARG A 35 -7.37 8.84 11.74
CA ARG A 35 -5.93 8.51 11.64
C ARG A 35 -5.66 7.38 12.62
N SER A 36 -4.77 6.47 12.25
CA SER A 36 -4.56 5.27 13.05
C SER A 36 -3.13 4.79 12.93
N ASP A 37 -2.56 4.40 14.06
CA ASP A 37 -1.40 3.49 14.08
C ASP A 37 -1.95 2.09 13.90
N PRO A 38 -1.11 1.13 13.48
CA PRO A 38 -1.59 -0.25 13.32
C PRO A 38 -1.86 -0.91 14.68
N LEU A 39 -2.79 -1.85 14.69
CA LEU A 39 -2.85 -2.86 15.79
C LEU A 39 -1.53 -3.62 15.79
N ALA A 40 -1.09 -4.04 14.60
CA ALA A 40 0.15 -4.82 14.37
C ALA A 40 0.60 -4.57 12.94
N TYR A 41 1.91 -4.60 12.72
CA TYR A 41 2.44 -4.45 11.36
C TYR A 41 3.82 -5.08 11.33
N THR A 42 4.25 -5.40 10.13
CA THR A 42 5.63 -5.86 9.90
C THR A 42 6.12 -5.39 8.55
N VAL A 43 7.42 -5.47 8.38
CA VAL A 43 8.06 -5.22 7.05
CA VAL A 43 8.06 -5.23 7.04
C VAL A 43 7.69 -6.38 6.13
N CYS A 44 7.64 -6.13 4.82
CA CYS A 44 7.36 -7.17 3.78
CA CYS A 44 7.33 -7.21 3.83
C CYS A 44 8.62 -7.92 3.39
N LYS A 45 8.44 -9.14 2.87
CA LYS A 45 9.51 -10.10 2.50
C LYS A 45 10.63 -9.37 1.75
N GLY A 46 10.28 -8.61 0.72
CA GLY A 46 11.30 -7.97 -0.15
C GLY A 46 11.99 -6.77 0.48
N SER A 47 11.39 -6.13 1.49
CA SER A 47 11.93 -4.91 2.11
C SER A 47 12.67 -5.24 3.42
N ARG A 48 12.59 -6.50 3.85
CA ARG A 48 13.26 -6.96 5.09
C ARG A 48 14.76 -6.70 4.92
N GLY A 49 15.36 -5.99 5.87
CA GLY A 49 16.79 -5.61 5.83
C GLY A 49 17.11 -4.53 4.82
N VAL A 50 16.11 -3.93 4.16
CA VAL A 50 16.29 -2.73 3.30
C VAL A 50 15.72 -1.52 4.02
N VAL A 51 14.56 -1.67 4.67
CA VAL A 51 13.93 -0.56 5.44
C VAL A 51 13.95 -0.93 6.93
N CYS A 52 13.84 0.09 7.77
CA CYS A 52 13.77 -0.07 9.23
C CYS A 52 12.48 -0.83 9.60
N ASP A 53 12.59 -1.90 10.38
CA ASP A 53 11.41 -2.65 10.89
C ASP A 53 10.37 -1.71 11.53
N ARG A 54 10.81 -0.67 12.24
CA ARG A 54 9.90 0.20 12.99
C ARG A 54 9.35 1.30 12.07
N CYS A 55 10.21 2.19 11.57
CA CYS A 55 9.72 3.42 10.88
C CYS A 55 9.54 3.19 9.37
N LEU A 56 10.00 2.06 8.83
CA LEU A 56 9.83 1.66 7.40
C LEU A 56 10.52 2.68 6.47
N LEU A 57 11.57 3.35 6.93
CA LEU A 57 12.43 4.24 6.10
C LEU A 57 13.66 3.45 5.64
N GLY A 58 14.05 3.65 4.38
CA GLY A 58 15.23 3.03 3.77
C GLY A 58 16.50 3.66 4.32
N LYS A 59 17.55 2.86 4.46
CA LYS A 59 18.86 3.31 4.99
C LYS A 59 19.92 2.34 4.46
N GLU A 60 21.04 2.86 3.96
CA GLU A 60 22.05 2.06 3.24
C GLU A 60 22.60 0.99 4.20
N LYS A 61 22.77 1.36 5.48
CA LYS A 61 23.25 0.45 6.55
C LYS A 61 22.22 0.47 7.69
N LEU A 62 21.60 -0.69 7.94
CA LEU A 62 20.69 -0.90 9.09
C LEU A 62 21.45 -1.68 10.17
N MET A 63 21.06 -1.46 11.42
CA MET A 63 21.57 -2.19 12.60
C MET A 63 20.63 -3.38 12.84
N ARG A 64 21.16 -4.57 13.11
CA ARG A 64 20.30 -5.75 13.32
C ARG A 64 20.15 -6.02 14.81
N CYS A 65 18.98 -6.55 15.19
CA CYS A 65 18.76 -7.19 16.50
C CYS A 65 19.79 -8.29 16.70
N SER A 66 20.59 -8.19 17.75
CA SER A 66 21.66 -9.17 17.97
C SER A 66 21.08 -10.56 18.23
N GLN A 67 19.92 -10.64 18.90
CA GLN A 67 19.33 -11.93 19.36
C GLN A 67 18.86 -12.71 18.14
N CYS A 68 18.02 -12.12 17.27
CA CYS A 68 17.45 -12.87 16.12
C CYS A 68 18.23 -12.62 14.84
N ARG A 69 18.82 -11.44 14.66
CA ARG A 69 19.50 -10.99 13.42
C ARG A 69 18.55 -10.97 12.23
N VAL A 70 17.24 -10.84 12.49
CA VAL A 70 16.20 -10.73 11.44
C VAL A 70 15.65 -9.30 11.47
N ALA A 71 15.23 -8.80 12.63
CA ALA A 71 14.75 -7.41 12.78
C ALA A 71 15.93 -6.48 12.54
N LYS A 72 15.74 -5.44 11.73
CA LYS A 72 16.80 -4.45 11.43
C LYS A 72 16.22 -3.06 11.54
N TYR A 73 17.06 -2.11 11.93
CA TYR A 73 16.59 -0.77 12.35
C TYR A 73 17.52 0.31 11.79
N CYS A 74 16.98 1.51 11.64
CA CYS A 74 17.69 2.69 11.11
C CYS A 74 18.56 3.32 12.20
N SER A 75 18.29 3.02 13.47
CA SER A 75 18.78 3.82 14.61
C SER A 75 18.60 3.05 15.91
N ALA A 76 19.39 3.40 16.92
CA ALA A 76 19.20 2.91 18.29
C ALA A 76 17.80 3.29 18.80
N LYS A 77 17.29 4.47 18.45
CA LYS A 77 15.94 4.92 18.88
C LYS A 77 14.91 3.90 18.34
N CYS A 78 14.98 3.52 17.08
CA CYS A 78 13.93 2.64 16.49
C CYS A 78 14.09 1.22 17.08
N GLN A 79 15.32 0.73 17.21
CA GLN A 79 15.55 -0.64 17.76
C GLN A 79 14.97 -0.70 19.18
N LYS A 80 15.29 0.29 20.03
CA LYS A 80 14.84 0.34 21.44
C LYS A 80 13.30 0.47 21.48
N LYS A 81 12.72 1.38 20.70
CA LYS A 81 11.25 1.65 20.77
C LYS A 81 10.47 0.44 20.23
N ALA A 82 11.09 -0.36 19.36
CA ALA A 82 10.46 -1.55 18.74
C ALA A 82 10.52 -2.73 19.71
N TRP A 83 11.36 -2.68 20.75
CA TRP A 83 11.67 -3.90 21.55
C TRP A 83 10.41 -4.48 22.16
N PRO A 84 9.57 -3.73 22.90
CA PRO A 84 8.36 -4.33 23.49
C PRO A 84 7.53 -5.15 22.49
N ASP A 85 7.30 -4.65 21.27
CA ASP A 85 6.45 -5.33 20.25
C ASP A 85 7.27 -6.39 19.48
N HIS A 86 8.59 -6.46 19.66
CA HIS A 86 9.48 -7.44 18.98
C HIS A 86 9.92 -8.56 19.93
N LYS A 87 9.85 -8.34 21.25
CA LYS A 87 10.47 -9.20 22.29
C LYS A 87 10.08 -10.67 22.09
N ARG A 88 8.78 -10.95 21.96
CA ARG A 88 8.29 -12.35 21.91
C ARG A 88 8.55 -12.94 20.51
N GLU A 89 8.38 -12.18 19.43
CA GLU A 89 8.64 -12.73 18.08
C GLU A 89 10.14 -13.00 17.94
N CYS A 90 10.98 -12.25 18.66
CA CYS A 90 12.45 -12.36 18.53
C CYS A 90 12.86 -13.81 18.84
N LYS A 91 12.35 -14.35 19.94
CA LYS A 91 12.59 -15.75 20.39
C LYS A 91 12.17 -16.71 19.27
N CYS A 92 11.06 -16.43 18.57
CA CYS A 92 10.52 -17.32 17.52
C CYS A 92 11.33 -17.20 16.21
N LEU A 93 11.72 -15.99 15.81
CA LEU A 93 12.52 -15.77 14.58
C LEU A 93 13.89 -16.41 14.76
N LYS A 94 14.47 -16.30 15.96
CA LYS A 94 15.77 -16.94 16.30
C LYS A 94 15.58 -18.46 16.18
N SER A 95 14.67 -19.03 16.99
CA SER A 95 14.46 -20.49 17.12
C SER A 95 14.27 -21.14 15.74
N CYS A 96 13.66 -20.43 14.80
CA CYS A 96 13.29 -20.94 13.44
C CYS A 96 14.29 -20.46 12.38
N LYS A 97 15.54 -20.17 12.76
CA LYS A 97 16.61 -19.79 11.81
C LYS A 97 17.10 -21.05 11.08
N PRO A 98 17.36 -21.03 9.75
CA PRO A 98 17.23 -19.83 8.92
C PRO A 98 15.87 -19.68 8.21
N ARG A 99 14.85 -20.39 8.66
CA ARG A 99 13.46 -20.26 8.11
C ARG A 99 12.95 -18.84 8.39
N TYR A 100 12.40 -18.15 7.37
CA TYR A 100 11.62 -16.90 7.54
C TYR A 100 10.16 -17.17 7.22
N PRO A 101 9.21 -16.81 8.12
CA PRO A 101 7.80 -17.12 7.89
C PRO A 101 7.17 -16.27 6.80
N PRO A 102 6.02 -16.69 6.22
CA PRO A 102 5.24 -15.80 5.37
C PRO A 102 4.92 -14.51 6.15
N ASP A 103 4.77 -13.40 5.43
CA ASP A 103 4.45 -12.09 6.04
C ASP A 103 3.19 -12.20 6.90
N SER A 104 2.15 -12.90 6.44
CA SER A 104 0.87 -13.04 7.17
C SER A 104 1.09 -13.71 8.53
N VAL A 105 2.03 -14.65 8.61
CA VAL A 105 2.31 -15.41 9.86
C VAL A 105 3.05 -14.49 10.84
N ARG A 106 4.04 -13.73 10.35
CA ARG A 106 4.74 -12.77 11.23
C ARG A 106 3.74 -11.71 11.71
N LEU A 107 2.88 -11.24 10.81
CA LEU A 107 1.85 -10.26 11.17
C LEU A 107 0.92 -10.83 12.25
N LEU A 108 0.40 -12.03 12.06
CA LEU A 108 -0.56 -12.58 13.06
C LEU A 108 0.16 -12.84 14.39
N GLY A 109 1.44 -13.24 14.38
CA GLY A 109 2.24 -13.33 15.62
C GLY A 109 2.16 -12.03 16.40
N ARG A 110 2.42 -10.91 15.73
CA ARG A 110 2.38 -9.57 16.35
C ARG A 110 0.95 -9.24 16.80
N VAL A 111 -0.07 -9.64 16.04
CA VAL A 111 -1.47 -9.43 16.50
C VAL A 111 -1.67 -10.12 17.84
N VAL A 112 -1.32 -11.41 17.92
CA VAL A 112 -1.56 -12.22 19.14
C VAL A 112 -0.78 -11.61 20.33
N PHE A 113 0.45 -11.18 20.12
CA PHE A 113 1.26 -10.63 21.24
C PHE A 113 0.66 -9.30 21.68
N LYS A 114 0.19 -8.49 20.73
CA LYS A 114 -0.45 -7.18 21.05
C LYS A 114 -1.73 -7.42 21.85
N LEU A 115 -2.56 -8.38 21.44
CA LEU A 115 -3.86 -8.64 22.13
C LEU A 115 -3.63 -9.27 23.51
N MET A 116 -2.61 -10.13 23.67
CA MET A 116 -2.31 -10.80 24.96
C MET A 116 -1.64 -9.84 25.94
N ASP A 117 -0.69 -9.01 25.49
CA ASP A 117 0.27 -8.30 26.37
C ASP A 117 0.06 -6.79 26.36
N GLY A 118 -0.63 -6.26 25.35
CA GLY A 118 -0.77 -4.82 25.14
C GLY A 118 -2.08 -4.28 25.71
N ALA A 119 -2.04 -3.02 26.11
CA ALA A 119 -3.24 -2.25 26.48
C ALA A 119 -4.16 -2.22 25.27
N PRO A 120 -5.47 -1.99 25.49
CA PRO A 120 -6.41 -1.84 24.40
C PRO A 120 -5.92 -0.78 23.40
N SER A 121 -5.93 -1.16 22.13
CA SER A 121 -5.31 -0.37 21.04
C SER A 121 -6.29 0.69 20.54
N GLU A 122 -5.84 1.92 20.34
CA GLU A 122 -6.64 3.00 19.72
C GLU A 122 -7.07 2.57 18.32
N SER A 123 -6.29 1.72 17.67
CA SER A 123 -6.58 1.20 16.30
C SER A 123 -7.92 0.47 16.28
N GLU A 124 -8.40 0.00 17.43
CA GLU A 124 -9.66 -0.80 17.51
C GLU A 124 -10.82 0.07 18.02
N LYS A 125 -10.71 1.40 17.98
CA LYS A 125 -11.76 2.29 18.57
C LYS A 125 -13.14 2.00 17.95
N LEU A 126 -13.26 1.88 16.63
CA LEU A 126 -14.57 1.72 15.95
C LEU A 126 -14.91 0.25 15.72
N TYR A 127 -13.90 -0.60 15.69
CA TYR A 127 -14.03 -2.00 15.21
C TYR A 127 -12.77 -2.73 15.62
N SER A 128 -12.92 -3.93 16.17
CA SER A 128 -11.79 -4.68 16.73
C SER A 128 -11.39 -5.84 15.81
N PHE A 129 -10.23 -6.43 16.06
CA PHE A 129 -9.80 -7.67 15.37
C PHE A 129 -10.91 -8.71 15.51
N TYR A 130 -11.52 -8.80 16.70
CA TYR A 130 -12.59 -9.79 17.02
C TYR A 130 -13.78 -9.59 16.06
N ASP A 131 -14.04 -8.36 15.66
CA ASP A 131 -15.22 -7.98 14.84
C ASP A 131 -14.97 -8.24 13.34
N LEU A 132 -13.71 -8.36 12.93
CA LEU A 132 -13.36 -8.32 11.49
C LEU A 132 -14.11 -9.42 10.72
N GLU A 133 -14.49 -9.08 9.50
CA GLU A 133 -15.07 -10.04 8.54
C GLU A 133 -14.05 -11.12 8.18
N SER A 134 -14.50 -12.37 8.19
CA SER A 134 -13.69 -13.55 7.81
C SER A 134 -14.17 -14.15 6.48
N ASN A 135 -15.39 -13.88 6.05
CA ASN A 135 -15.97 -14.53 4.84
C ASN A 135 -15.86 -16.05 4.90
N ILE A 136 -15.91 -16.67 6.08
CA ILE A 136 -15.65 -18.14 6.17
C ILE A 136 -16.70 -18.91 5.35
N ASN A 137 -17.94 -18.43 5.25
CA ASN A 137 -18.98 -19.19 4.50
C ASN A 137 -18.86 -18.98 2.99
N LYS A 138 -17.91 -18.16 2.50
CA LYS A 138 -17.68 -18.00 1.04
C LYS A 138 -16.33 -18.57 0.61
N LEU A 139 -15.47 -18.95 1.53
CA LEU A 139 -14.14 -19.47 1.12
C LEU A 139 -14.28 -20.74 0.29
N THR A 140 -13.48 -20.82 -0.75
CA THR A 140 -13.40 -22.02 -1.59
C THR A 140 -12.58 -23.08 -0.86
N GLU A 141 -12.75 -24.34 -1.26
CA GLU A 141 -11.96 -25.44 -0.66
C GLU A 141 -10.46 -25.14 -0.89
N ASP A 142 -10.08 -24.57 -2.03
CA ASP A 142 -8.65 -24.27 -2.32
C ASP A 142 -8.14 -23.27 -1.29
N ARG A 143 -8.92 -22.23 -1.01
CA ARG A 143 -8.54 -21.19 -0.02
C ARG A 143 -8.42 -21.84 1.37
N LYS A 144 -9.38 -22.69 1.75
CA LYS A 144 -9.39 -23.28 3.10
C LYS A 144 -8.13 -24.10 3.28
N GLU A 145 -7.71 -24.82 2.23
CA GLU A 145 -6.48 -25.64 2.31
C GLU A 145 -5.29 -24.72 2.57
N GLY A 146 -5.21 -23.58 1.88
CA GLY A 146 -4.14 -22.59 2.06
C GLY A 146 -4.16 -22.07 3.48
N LEU A 147 -5.35 -21.82 4.03
CA LEU A 147 -5.46 -21.31 5.42
C LEU A 147 -5.01 -22.38 6.41
N ARG A 148 -5.32 -23.65 6.16
CA ARG A 148 -4.88 -24.74 7.06
C ARG A 148 -3.35 -24.78 7.07
N GLN A 149 -2.70 -24.55 5.94
CA GLN A 149 -1.21 -24.54 5.90
C GLN A 149 -0.68 -23.34 6.69
N LEU A 150 -1.32 -22.18 6.57
CA LEU A 150 -0.92 -20.98 7.36
C LEU A 150 -1.06 -21.29 8.85
N VAL A 151 -2.12 -21.96 9.28
CA VAL A 151 -2.34 -22.27 10.71
C VAL A 151 -1.16 -23.13 11.20
N MET A 152 -0.82 -24.16 10.45
CA MET A 152 0.28 -25.09 10.85
C MET A 152 1.61 -24.33 10.80
N THR A 153 1.79 -23.41 9.87
CA THR A 153 3.02 -22.59 9.78
C THR A 153 3.12 -21.70 11.03
N PHE A 154 2.03 -21.11 11.47
CA PHE A 154 1.98 -20.28 12.68
C PHE A 154 2.31 -21.13 13.90
N GLN A 155 1.69 -22.31 13.99
CA GLN A 155 1.92 -23.22 15.14
C GLN A 155 3.42 -23.55 15.23
N HIS A 156 4.07 -23.78 14.10
CA HIS A 156 5.50 -24.11 14.03
C HIS A 156 6.34 -22.89 14.44
N PHE A 157 6.05 -21.74 13.83
CA PHE A 157 6.82 -20.48 14.01
C PHE A 157 6.76 -20.03 15.47
N MET A 158 5.58 -20.14 16.10
CA MET A 158 5.29 -19.51 17.41
C MET A 158 5.61 -20.45 18.57
N ARG A 159 6.05 -21.69 18.29
CA ARG A 159 6.08 -22.79 19.30
C ARG A 159 6.89 -22.36 20.54
N GLU A 160 7.93 -21.54 20.38
CA GLU A 160 8.73 -21.06 21.55
C GLU A 160 7.88 -20.22 22.51
N GLU A 161 6.87 -19.50 22.01
CA GLU A 161 6.11 -18.51 22.80
C GLU A 161 4.66 -18.95 23.05
N ILE A 162 4.06 -19.73 22.16
CA ILE A 162 2.63 -20.15 22.24
C ILE A 162 2.57 -21.68 22.13
N GLN A 163 2.23 -22.35 23.21
CA GLN A 163 2.13 -23.84 23.25
C GLN A 163 0.65 -24.27 23.25
N ASP A 164 -0.28 -23.45 23.75
CA ASP A 164 -1.70 -23.84 23.90
C ASP A 164 -2.61 -22.61 23.82
N ALA A 165 -3.93 -22.85 23.87
CA ALA A 165 -4.99 -21.84 23.72
C ALA A 165 -4.97 -20.85 24.90
N SER A 166 -4.39 -21.22 26.05
CA SER A 166 -4.29 -20.33 27.24
C SER A 166 -3.41 -19.10 26.91
N GLN A 167 -2.59 -19.19 25.86
CA GLN A 167 -1.64 -18.12 25.44
C GLN A 167 -2.17 -17.39 24.21
N LEU A 168 -3.39 -17.71 23.77
CA LEU A 168 -4.13 -16.96 22.72
C LEU A 168 -5.27 -16.22 23.40
N PRO A 169 -5.79 -15.13 22.80
CA PRO A 169 -6.98 -14.47 23.33
C PRO A 169 -8.12 -15.47 23.55
N PRO A 170 -9.12 -15.17 24.40
CA PRO A 170 -10.22 -16.11 24.64
C PRO A 170 -10.94 -16.54 23.35
N ALA A 171 -11.17 -17.84 23.19
CA ALA A 171 -11.82 -18.49 22.02
C ALA A 171 -11.24 -17.94 20.71
N PHE A 172 -9.94 -17.64 20.69
CA PHE A 172 -9.21 -17.23 19.47
C PHE A 172 -9.07 -18.47 18.57
N ASP A 173 -9.47 -18.35 17.31
CA ASP A 173 -9.40 -19.45 16.34
C ASP A 173 -8.40 -19.04 15.26
N LEU A 174 -7.29 -19.77 15.11
CA LEU A 174 -6.20 -19.40 14.17
C LEU A 174 -6.69 -19.44 12.72
N PHE A 175 -7.52 -20.41 12.34
CA PHE A 175 -8.06 -20.49 10.97
C PHE A 175 -8.85 -19.21 10.67
N GLU A 176 -9.78 -18.86 11.56
CA GLU A 176 -10.62 -17.64 11.44
C GLU A 176 -9.71 -16.40 11.43
N ALA A 177 -8.67 -16.39 12.26
CA ALA A 177 -7.76 -15.23 12.33
C ALA A 177 -7.06 -15.02 10.97
N PHE A 178 -6.58 -16.08 10.34
CA PHE A 178 -5.92 -15.96 9.01
C PHE A 178 -6.96 -15.58 7.95
N ALA A 179 -8.19 -16.07 8.05
CA ALA A 179 -9.25 -15.64 7.12
C ALA A 179 -9.45 -14.13 7.26
N LYS A 180 -9.45 -13.60 8.48
CA LYS A 180 -9.59 -12.14 8.70
C LYS A 180 -8.39 -11.42 8.08
N VAL A 181 -7.20 -11.95 8.25
CA VAL A 181 -5.99 -11.27 7.71
C VAL A 181 -6.10 -11.18 6.17
N ILE A 182 -6.59 -12.22 5.52
CA ILE A 182 -6.64 -12.24 4.02
C ILE A 182 -7.45 -11.04 3.53
N CYS A 183 -8.58 -10.72 4.16
CA CYS A 183 -9.48 -9.70 3.59
C CYS A 183 -9.45 -8.41 4.41
N ASN A 184 -8.50 -8.24 5.32
CA ASN A 184 -8.39 -7.00 6.13
C ASN A 184 -6.95 -6.47 6.23
N SER A 185 -5.98 -7.07 5.56
CA SER A 185 -4.58 -6.59 5.49
C SER A 185 -4.48 -5.30 4.71
N PHE A 186 -3.74 -4.33 5.22
CA PHE A 186 -3.34 -3.11 4.48
C PHE A 186 -1.87 -3.22 4.11
N THR A 187 -1.58 -3.00 2.83
CA THR A 187 -0.21 -2.86 2.33
C THR A 187 0.25 -1.44 2.64
N ILE A 188 1.35 -1.32 3.36
CA ILE A 188 1.91 0.00 3.77
C ILE A 188 2.90 0.45 2.69
N CYS A 189 2.72 1.66 2.15
CA CYS A 189 3.63 2.23 1.14
C CYS A 189 4.48 3.31 1.81
N ASN A 190 5.71 3.46 1.33
CA ASN A 190 6.58 4.56 1.76
C ASN A 190 6.16 5.84 1.06
N ALA A 191 6.88 6.93 1.32
CA ALA A 191 6.53 8.26 0.77
C ALA A 191 6.53 8.19 -0.76
N GLU A 192 7.40 7.36 -1.34
CA GLU A 192 7.60 7.22 -2.81
C GLU A 192 6.61 6.20 -3.40
N MET A 193 5.65 5.74 -2.59
CA MET A 193 4.52 4.84 -2.99
C MET A 193 5.04 3.46 -3.40
N GLN A 194 6.13 3.03 -2.75
CA GLN A 194 6.64 1.65 -2.85
C GLN A 194 6.13 0.86 -1.66
N GLU A 195 5.71 -0.38 -1.90
CA GLU A 195 5.23 -1.29 -0.84
C GLU A 195 6.39 -1.67 0.07
N VAL A 196 6.26 -1.46 1.37
CA VAL A 196 7.35 -1.75 2.35
C VAL A 196 6.84 -2.55 3.54
N GLY A 197 5.55 -2.67 3.74
CA GLY A 197 5.05 -3.35 4.96
C GLY A 197 3.61 -3.73 4.84
N VAL A 198 3.14 -4.43 5.86
CA VAL A 198 1.74 -4.91 5.92
C VAL A 198 1.28 -4.73 7.38
N GLY A 199 0.04 -4.27 7.53
CA GLY A 199 -0.53 -4.02 8.86
C GLY A 199 -2.01 -4.28 8.92
N LEU A 200 -2.51 -4.40 10.15
CA LEU A 200 -3.95 -4.42 10.44
C LEU A 200 -4.31 -3.13 11.13
N TYR A 201 -5.41 -2.55 10.67
CA TYR A 201 -5.96 -1.26 11.15
C TYR A 201 -7.46 -1.49 11.34
N PRO A 202 -7.91 -2.17 12.41
CA PRO A 202 -9.28 -2.70 12.40
C PRO A 202 -10.41 -1.66 12.23
N SER A 203 -10.26 -0.45 12.79
CA SER A 203 -11.26 0.64 12.60
C SER A 203 -11.36 0.98 11.10
N ILE A 204 -10.23 1.08 10.41
CA ILE A 204 -10.15 1.42 8.97
C ILE A 204 -10.75 0.28 8.14
N SER A 205 -10.70 -0.96 8.67
CA SER A 205 -11.27 -2.17 8.04
C SER A 205 -12.77 -2.07 7.87
N LEU A 206 -13.46 -1.12 8.50
CA LEU A 206 -14.92 -0.91 8.24
C LEU A 206 -15.17 -0.44 6.81
N LEU A 207 -14.19 0.19 6.16
CA LEU A 207 -14.45 0.79 4.82
C LEU A 207 -14.69 -0.31 3.79
N ASN A 208 -15.83 -0.24 3.11
CA ASN A 208 -16.09 -1.06 1.92
C ASN A 208 -15.41 -0.47 0.68
N HIS A 209 -15.34 -1.28 -0.35
CA HIS A 209 -14.62 -1.01 -1.62
C HIS A 209 -15.51 -0.31 -2.64
N SER A 210 -14.91 0.58 -3.41
CA SER A 210 -15.47 1.05 -4.69
C SER A 210 -14.33 1.20 -5.70
N CYS A 211 -14.61 0.91 -6.97
CA CYS A 211 -13.64 1.16 -8.06
C CYS A 211 -13.64 2.66 -8.42
N ASP A 212 -14.52 3.45 -7.81
CA ASP A 212 -14.56 4.92 -7.93
C ASP A 212 -14.91 5.51 -6.57
N PRO A 213 -13.95 5.51 -5.63
CA PRO A 213 -14.27 5.78 -4.23
C PRO A 213 -14.37 7.26 -3.88
N ASN A 214 -14.91 7.53 -2.69
CA ASN A 214 -15.03 8.93 -2.21
C ASN A 214 -13.99 9.25 -1.14
N CYS A 215 -13.23 8.26 -0.69
CA CYS A 215 -12.15 8.44 0.30
C CYS A 215 -10.86 7.81 -0.20
N SER A 216 -9.76 8.18 0.42
CA SER A 216 -8.43 7.62 0.12
C SER A 216 -7.67 7.42 1.42
N ILE A 217 -6.83 6.41 1.46
CA ILE A 217 -5.84 6.26 2.56
C ILE A 217 -4.43 6.52 2.03
N VAL A 218 -3.60 7.05 2.90
CA VAL A 218 -2.16 7.25 2.66
C VAL A 218 -1.42 6.90 3.94
N PHE A 219 -0.20 6.43 3.77
CA PHE A 219 0.69 6.04 4.88
C PHE A 219 1.80 7.07 5.02
N ASN A 220 2.08 7.42 6.27
CA ASN A 220 3.27 8.18 6.71
C ASN A 220 4.03 7.27 7.68
N GLY A 221 5.00 6.52 7.19
CA GLY A 221 5.53 5.37 7.93
C GLY A 221 4.37 4.42 8.18
N PRO A 222 4.26 3.79 9.38
CA PRO A 222 3.13 2.91 9.68
C PRO A 222 1.80 3.65 9.97
N HIS A 223 1.83 4.98 10.02
CA HIS A 223 0.66 5.80 10.42
C HIS A 223 -0.26 6.00 9.21
N LEU A 224 -1.54 5.67 9.37
CA LEU A 224 -2.54 5.71 8.29
C LEU A 224 -3.43 6.94 8.44
N LEU A 225 -3.54 7.72 7.35
CA LEU A 225 -4.47 8.87 7.28
C LEU A 225 -5.61 8.54 6.32
N LEU A 226 -6.83 8.69 6.78
CA LEU A 226 -8.04 8.49 5.94
C LEU A 226 -8.61 9.87 5.61
N ARG A 227 -8.71 10.21 4.33
CA ARG A 227 -9.21 11.53 3.91
C ARG A 227 -10.36 11.37 2.92
N ALA A 228 -11.33 12.28 2.98
CA ALA A 228 -12.32 12.44 1.89
C ALA A 228 -11.60 12.94 0.63
N VAL A 229 -11.97 12.43 -0.56
CA VAL A 229 -11.43 12.94 -1.85
C VAL A 229 -12.56 13.43 -2.77
N ARG A 230 -13.79 13.40 -2.26
CA ARG A 230 -15.01 13.95 -2.90
C ARG A 230 -15.85 14.67 -1.83
N ASP A 231 -16.83 15.45 -2.25
CA ASP A 231 -17.89 15.86 -1.31
C ASP A 231 -18.66 14.62 -0.86
N ILE A 232 -18.97 14.54 0.43
CA ILE A 232 -19.75 13.42 1.00
C ILE A 232 -20.85 14.00 1.89
N GLU A 233 -22.07 13.53 1.68
CA GLU A 233 -23.27 14.00 2.42
C GLU A 233 -23.40 13.23 3.74
N VAL A 234 -24.10 13.81 4.70
CA VAL A 234 -24.47 13.10 5.96
CA VAL A 234 -24.46 13.10 5.96
C VAL A 234 -25.13 11.77 5.58
N GLY A 235 -24.68 10.67 6.18
CA GLY A 235 -25.27 9.34 6.01
C GLY A 235 -24.76 8.58 4.79
N GLU A 236 -23.95 9.23 3.96
CA GLU A 236 -23.40 8.59 2.75
C GLU A 236 -22.26 7.65 3.16
N GLU A 237 -22.25 6.47 2.55
CA GLU A 237 -21.20 5.46 2.86
C GLU A 237 -19.85 5.98 2.36
N LEU A 238 -18.82 5.79 3.19
CA LEU A 238 -17.42 6.08 2.85
C LEU A 238 -16.85 4.83 2.17
N THR A 239 -16.15 5.02 1.07
CA THR A 239 -15.50 3.91 0.32
C THR A 239 -14.05 4.26 0.02
N ILE A 240 -13.22 3.22 -0.06
CA ILE A 240 -11.85 3.33 -0.62
C ILE A 240 -11.78 2.29 -1.73
N CYS A 241 -10.81 2.46 -2.63
CA CYS A 241 -10.47 1.45 -3.64
C CYS A 241 -9.43 0.49 -3.05
N TYR A 242 -9.79 -0.77 -2.87
CA TYR A 242 -8.85 -1.77 -2.30
C TYR A 242 -7.72 -2.09 -3.28
N LEU A 243 -7.87 -1.67 -4.53
CA LEU A 243 -7.07 -2.21 -5.65
C LEU A 243 -6.24 -1.12 -6.32
N ASP A 244 -5.16 -1.55 -6.95
CA ASP A 244 -4.40 -0.68 -7.86
C ASP A 244 -5.32 -0.19 -8.99
N MET A 245 -5.17 1.07 -9.41
CA MET A 245 -6.05 1.63 -10.45
C MET A 245 -5.72 1.07 -11.83
N LEU A 246 -4.48 0.60 -12.05
CA LEU A 246 -4.05 0.08 -13.38
C LEU A 246 -4.41 -1.41 -13.48
N MET A 247 -5.72 -1.67 -13.55
CA MET A 247 -6.31 -3.02 -13.58
C MET A 247 -7.57 -2.92 -14.44
N THR A 248 -7.82 -3.93 -15.27
CA THR A 248 -9.07 -4.02 -16.03
C THR A 248 -10.17 -4.54 -15.10
N SER A 249 -11.44 -4.41 -15.51
CA SER A 249 -12.59 -4.95 -14.74
C SER A 249 -12.42 -6.46 -14.57
N GLU A 250 -11.85 -7.20 -15.53
CA GLU A 250 -11.63 -8.66 -15.37
C GLU A 250 -10.63 -8.92 -14.25
N GLU A 251 -9.55 -8.15 -14.21
CA GLU A 251 -8.50 -8.29 -13.19
C GLU A 251 -9.09 -7.92 -11.84
N ARG A 252 -9.86 -6.85 -11.77
CA ARG A 252 -10.50 -6.44 -10.50
C ARG A 252 -11.46 -7.55 -10.05
N ARG A 253 -12.24 -8.10 -10.97
CA ARG A 253 -13.20 -9.18 -10.61
C ARG A 253 -12.46 -10.34 -9.96
N LYS A 254 -11.35 -10.75 -10.55
CA LYS A 254 -10.59 -11.92 -10.04
C LYS A 254 -10.10 -11.62 -8.62
N GLN A 255 -9.53 -10.43 -8.39
CA GLN A 255 -8.92 -10.13 -7.07
C GLN A 255 -10.03 -9.95 -6.04
N LEU A 256 -11.14 -9.31 -6.39
CA LEU A 256 -12.22 -9.06 -5.40
C LEU A 256 -12.92 -10.39 -5.07
N ARG A 257 -13.01 -11.32 -6.02
CA ARG A 257 -13.50 -12.68 -5.71
C ARG A 257 -12.48 -13.41 -4.83
N ASP A 258 -11.26 -13.55 -5.31
CA ASP A 258 -10.27 -14.47 -4.71
C ASP A 258 -9.90 -13.98 -3.31
N GLN A 259 -9.69 -12.68 -3.13
CA GLN A 259 -9.19 -12.13 -1.84
C GLN A 259 -10.36 -11.69 -0.97
N TYR A 260 -11.42 -11.14 -1.55
CA TYR A 260 -12.45 -10.41 -0.75
C TYR A 260 -13.82 -11.07 -0.83
N CYS A 261 -13.98 -12.14 -1.60
CA CYS A 261 -15.24 -12.89 -1.70
C CYS A 261 -16.43 -11.97 -1.97
N PHE A 262 -16.30 -11.04 -2.92
CA PHE A 262 -17.52 -10.34 -3.41
C PHE A 262 -17.41 -10.05 -4.90
N GLU A 263 -18.59 -9.80 -5.45
CA GLU A 263 -18.85 -9.45 -6.87
C GLU A 263 -19.13 -7.95 -6.91
N CYS A 264 -18.30 -7.16 -7.60
CA CYS A 264 -18.44 -5.69 -7.54
C CYS A 264 -19.53 -5.25 -8.49
N ASP A 265 -20.49 -4.51 -7.95
CA ASP A 265 -21.71 -4.01 -8.63
C ASP A 265 -21.51 -2.57 -9.11
N CYS A 266 -20.32 -1.97 -8.96
CA CYS A 266 -20.16 -0.52 -9.26
C CYS A 266 -20.32 -0.24 -10.78
N PHE A 267 -20.58 1.01 -11.14
CA PHE A 267 -20.80 1.41 -12.55
C PHE A 267 -19.60 1.03 -13.41
N ARG A 268 -18.39 1.19 -12.89
CA ARG A 268 -17.19 0.90 -13.70
C ARG A 268 -17.16 -0.60 -14.06
N CYS A 269 -17.51 -1.47 -13.12
CA CYS A 269 -17.49 -2.93 -13.39
C CYS A 269 -18.62 -3.29 -14.35
N GLN A 270 -19.79 -2.68 -14.19
CA GLN A 270 -20.93 -2.97 -15.09
C GLN A 270 -20.60 -2.61 -16.54
N THR A 271 -19.77 -1.59 -16.76
CA THR A 271 -19.55 -1.00 -18.10
C THR A 271 -18.13 -1.24 -18.60
N GLN A 272 -17.28 -1.97 -17.87
CA GLN A 272 -15.87 -2.17 -18.28
C GLN A 272 -15.20 -0.83 -18.55
N ASP A 273 -15.51 0.16 -17.70
CA ASP A 273 -15.01 1.55 -17.79
C ASP A 273 -13.48 1.57 -17.92
N LYS A 274 -13.00 2.09 -19.06
CA LYS A 274 -11.57 2.31 -19.40
C LYS A 274 -10.88 1.01 -19.87
N ASP A 275 -11.53 -0.15 -19.85
CA ASP A 275 -10.81 -1.42 -20.19
C ASP A 275 -10.21 -1.31 -21.59
N ALA A 276 -10.98 -0.81 -22.56
CA ALA A 276 -10.52 -0.80 -23.96
C ALA A 276 -9.24 0.03 -24.10
N ASP A 277 -9.22 1.25 -23.53
CA ASP A 277 -8.03 2.11 -23.65
C ASP A 277 -6.85 1.43 -22.93
N MET A 278 -7.09 0.79 -21.77
CA MET A 278 -6.02 0.16 -20.97
C MET A 278 -5.32 -0.95 -21.77
N LEU A 279 -6.04 -1.58 -22.71
CA LEU A 279 -5.54 -2.73 -23.48
C LEU A 279 -5.25 -2.38 -24.94
N THR A 280 -5.00 -1.12 -25.25
CA THR A 280 -4.62 -0.72 -26.63
C THR A 280 -3.22 -1.23 -26.98
N GLY A 281 -2.98 -1.40 -28.28
CA GLY A 281 -1.72 -1.98 -28.78
C GLY A 281 -1.91 -3.43 -29.13
N ASP A 282 -0.85 -4.05 -29.62
CA ASP A 282 -0.90 -5.45 -30.09
C ASP A 282 -1.04 -6.38 -28.89
N GLU A 283 -2.04 -7.25 -28.91
CA GLU A 283 -2.37 -8.14 -27.78
C GLU A 283 -1.21 -9.09 -27.51
N GLN A 284 -0.55 -9.64 -28.54
CA GLN A 284 0.60 -10.55 -28.30
C GLN A 284 1.68 -9.79 -27.54
N VAL A 285 1.97 -8.54 -27.92
CA VAL A 285 3.02 -7.76 -27.24
C VAL A 285 2.59 -7.52 -25.79
N TRP A 286 1.35 -7.05 -25.56
CA TRP A 286 1.05 -6.67 -24.16
C TRP A 286 0.90 -7.94 -23.30
N LYS A 287 0.54 -9.09 -23.87
CA LYS A 287 0.53 -10.35 -23.09
C LYS A 287 1.97 -10.66 -22.62
N GLU A 288 2.96 -10.48 -23.49
CA GLU A 288 4.39 -10.72 -23.18
C GLU A 288 4.85 -9.74 -22.09
N VAL A 289 4.47 -8.48 -22.18
CA VAL A 289 4.88 -7.44 -21.20
C VAL A 289 4.22 -7.73 -19.85
N GLN A 290 2.93 -8.08 -19.84
CA GLN A 290 2.22 -8.48 -18.61
C GLN A 290 3.01 -9.64 -17.97
N GLU A 291 3.44 -10.62 -18.77
CA GLU A 291 4.18 -11.80 -18.24
C GLU A 291 5.52 -11.32 -17.67
N SER A 292 6.25 -10.48 -18.39
CA SER A 292 7.55 -9.92 -17.93
C SER A 292 7.37 -9.11 -16.65
N LEU A 293 6.25 -8.41 -16.47
CA LEU A 293 6.03 -7.58 -15.25
C LEU A 293 6.03 -8.44 -13.98
N LYS A 294 5.70 -9.73 -14.05
CA LYS A 294 5.72 -10.60 -12.85
C LYS A 294 7.13 -10.55 -12.28
N LYS A 295 8.13 -10.74 -13.13
CA LYS A 295 9.55 -10.70 -12.71
C LYS A 295 9.93 -9.27 -12.37
N ILE A 296 9.58 -8.29 -13.20
CA ILE A 296 9.99 -6.88 -12.97
C ILE A 296 9.48 -6.44 -11.59
N GLU A 297 8.23 -6.75 -11.26
CA GLU A 297 7.61 -6.32 -9.98
C GLU A 297 8.24 -7.09 -8.82
N GLU A 298 8.61 -8.35 -9.03
CA GLU A 298 9.34 -9.18 -8.02
C GLU A 298 10.70 -8.51 -7.73
N LEU A 299 11.44 -8.18 -8.78
CA LEU A 299 12.77 -7.52 -8.64
C LEU A 299 12.60 -6.17 -7.92
N LYS A 300 11.57 -5.41 -8.26
CA LYS A 300 11.31 -4.08 -7.66
C LYS A 300 11.01 -4.26 -6.17
N ALA A 301 10.18 -5.26 -5.80
CA ALA A 301 9.79 -5.57 -4.41
C ALA A 301 11.05 -5.86 -3.57
N HIS A 302 12.11 -6.35 -4.19
CA HIS A 302 13.41 -6.63 -3.53
C HIS A 302 14.45 -5.52 -3.77
N TRP A 303 14.02 -4.38 -4.31
CA TRP A 303 14.83 -3.16 -4.50
C TRP A 303 16.03 -3.44 -5.41
N LYS A 304 15.88 -4.36 -6.36
CA LYS A 304 16.95 -4.75 -7.33
C LYS A 304 16.86 -3.82 -8.55
N TRP A 305 17.19 -2.54 -8.38
CA TRP A 305 16.92 -1.48 -9.40
C TRP A 305 17.67 -1.73 -10.71
N GLU A 306 18.93 -2.18 -10.66
CA GLU A 306 19.70 -2.40 -11.91
C GLU A 306 19.02 -3.46 -12.77
N GLN A 307 18.54 -4.54 -12.15
CA GLN A 307 17.87 -5.64 -12.89
C GLN A 307 16.50 -5.15 -13.37
N VAL A 308 15.79 -4.36 -12.56
CA VAL A 308 14.50 -3.75 -12.98
C VAL A 308 14.75 -2.94 -14.26
N LEU A 309 15.72 -2.02 -14.21
CA LEU A 309 15.95 -1.08 -15.33
C LEU A 309 16.29 -1.89 -16.59
N ALA A 310 17.13 -2.92 -16.50
CA ALA A 310 17.56 -3.70 -17.69
C ALA A 310 16.35 -4.36 -18.35
N MET A 311 15.43 -4.92 -17.56
CA MET A 311 14.23 -5.60 -18.08
C MET A 311 13.26 -4.58 -18.67
N CYS A 312 13.16 -3.40 -18.06
CA CYS A 312 12.25 -2.34 -18.56
C CYS A 312 12.79 -1.75 -19.87
N GLN A 313 14.10 -1.50 -19.96
CA GLN A 313 14.70 -0.93 -21.19
C GLN A 313 14.48 -1.89 -22.34
N ALA A 314 14.52 -3.20 -22.10
CA ALA A 314 14.34 -4.22 -23.16
C ALA A 314 12.92 -4.13 -23.75
N ILE A 315 11.98 -3.55 -23.02
CA ILE A 315 10.57 -3.39 -23.45
C ILE A 315 10.43 -1.98 -24.03
N ILE A 316 10.81 -0.96 -23.29
CA ILE A 316 10.57 0.46 -23.68
C ILE A 316 11.32 0.74 -24.97
N SER A 317 12.53 0.22 -25.11
CA SER A 317 13.39 0.42 -26.29
C SER A 317 13.56 -0.86 -27.09
N SER A 318 12.54 -1.72 -27.13
CA SER A 318 12.55 -3.01 -27.84
C SER A 318 12.86 -2.78 -29.33
N ASN A 319 13.59 -3.72 -29.94
CA ASN A 319 13.76 -3.75 -31.41
C ASN A 319 12.44 -4.19 -32.03
N SER A 320 11.66 -5.00 -31.32
CA SER A 320 10.35 -5.54 -31.76
C SER A 320 9.23 -4.54 -31.43
N GLU A 321 7.98 -4.91 -31.75
CA GLU A 321 6.79 -4.02 -31.68
C GLU A 321 6.65 -3.44 -30.26
N ARG A 322 6.27 -2.18 -30.20
CA ARG A 322 6.10 -1.42 -28.93
C ARG A 322 4.63 -1.14 -28.69
N LEU A 323 4.35 -0.76 -27.45
CA LEU A 323 2.99 -0.48 -26.97
C LEU A 323 2.81 1.02 -26.75
N PRO A 324 1.55 1.51 -26.84
CA PRO A 324 1.23 2.88 -26.46
C PRO A 324 1.40 3.03 -24.94
N ASP A 325 1.73 4.23 -24.51
CA ASP A 325 1.98 4.52 -23.07
C ASP A 325 0.67 4.46 -22.27
N ILE A 326 -0.51 4.50 -22.90
CA ILE A 326 -1.79 4.32 -22.16
C ILE A 326 -2.09 2.84 -21.95
N ASN A 327 -1.40 1.91 -22.61
CA ASN A 327 -1.54 0.48 -22.27
C ASN A 327 -1.03 0.29 -20.83
N ILE A 328 -1.84 -0.31 -19.96
CA ILE A 328 -1.51 -0.33 -18.51
C ILE A 328 -0.22 -1.12 -18.26
N TYR A 329 0.10 -2.14 -19.07
CA TYR A 329 1.33 -2.95 -18.84
C TYR A 329 2.54 -2.10 -19.26
N GLN A 330 2.45 -1.44 -20.41
CA GLN A 330 3.48 -0.45 -20.82
C GLN A 330 3.66 0.63 -19.74
N LEU A 331 2.55 1.15 -19.20
CA LEU A 331 2.59 2.23 -18.20
C LEU A 331 3.29 1.76 -16.92
N LYS A 332 3.01 0.53 -16.48
CA LYS A 332 3.65 -0.02 -15.27
C LYS A 332 5.15 -0.16 -15.56
N VAL A 333 5.54 -0.56 -16.77
CA VAL A 333 6.99 -0.70 -17.13
C VAL A 333 7.64 0.69 -17.10
N LEU A 334 6.97 1.73 -17.62
CA LEU A 334 7.53 3.11 -17.62
C LEU A 334 7.75 3.57 -16.18
N ASP A 335 6.78 3.30 -15.31
CA ASP A 335 6.86 3.75 -13.90
C ASP A 335 7.98 3.00 -13.19
N CYS A 336 8.10 1.67 -13.37
CA CYS A 336 9.20 0.89 -12.76
C CYS A 336 10.55 1.41 -13.29
N ALA A 337 10.63 1.74 -14.57
CA ALA A 337 11.87 2.25 -15.17
C ALA A 337 12.21 3.62 -14.57
N MET A 338 11.23 4.50 -14.40
CA MET A 338 11.42 5.83 -13.78
C MET A 338 12.01 5.64 -12.37
N ASP A 339 11.38 4.80 -11.55
CA ASP A 339 11.84 4.61 -10.16
C ASP A 339 13.23 3.98 -10.15
N ALA A 340 13.52 3.03 -11.04
CA ALA A 340 14.86 2.41 -11.10
C ALA A 340 15.86 3.51 -11.44
N CYS A 341 15.55 4.37 -12.42
CA CYS A 341 16.47 5.47 -12.83
C CYS A 341 16.68 6.45 -11.68
N ILE A 342 15.64 6.78 -10.93
CA ILE A 342 15.76 7.72 -9.77
C ILE A 342 16.75 7.12 -8.77
N ASN A 343 16.60 5.83 -8.45
CA ASN A 343 17.42 5.15 -7.41
C ASN A 343 18.85 4.98 -7.93
N LEU A 344 19.06 4.87 -9.23
CA LEU A 344 20.41 4.68 -9.83
C LEU A 344 21.03 6.04 -10.20
N GLY A 345 20.34 7.16 -9.94
CA GLY A 345 20.85 8.53 -10.22
C GLY A 345 20.87 8.85 -11.71
N LEU A 346 20.12 8.11 -12.54
CA LEU A 346 19.97 8.36 -14.01
C LEU A 346 18.79 9.34 -14.20
N LEU A 347 18.96 10.61 -13.84
CA LEU A 347 17.84 11.54 -13.61
C LEU A 347 17.28 12.05 -14.95
N GLU A 348 18.11 12.15 -15.98
CA GLU A 348 17.66 12.50 -17.36
C GLU A 348 16.71 11.42 -17.88
N GLU A 349 17.15 10.17 -17.81
CA GLU A 349 16.36 8.99 -18.28
C GLU A 349 15.11 8.86 -17.39
N ALA A 350 15.22 9.07 -16.08
CA ALA A 350 14.05 9.03 -15.17
C ALA A 350 13.00 10.03 -15.67
N LEU A 351 13.41 11.24 -16.04
CA LEU A 351 12.46 12.29 -16.40
C LEU A 351 11.78 11.92 -17.72
N PHE A 352 12.50 11.29 -18.65
CA PHE A 352 11.91 10.86 -19.93
C PHE A 352 10.74 9.91 -19.64
N TYR A 353 11.01 8.88 -18.85
CA TYR A 353 9.96 7.88 -18.51
C TYR A 353 8.85 8.56 -17.71
N GLY A 354 9.19 9.35 -16.71
CA GLY A 354 8.21 10.00 -15.83
C GLY A 354 7.27 10.90 -16.61
N THR A 355 7.81 11.72 -17.52
CA THR A 355 6.94 12.65 -18.30
CA THR A 355 7.00 12.63 -18.35
C THR A 355 6.00 11.82 -19.18
N ARG A 356 6.45 10.70 -19.71
CA ARG A 356 5.58 9.84 -20.55
C ARG A 356 4.39 9.31 -19.74
N THR A 357 4.55 9.11 -18.43
CA THR A 357 3.45 8.59 -17.58
C THR A 357 2.41 9.68 -17.26
N MET A 358 2.69 10.97 -17.47
CA MET A 358 1.84 12.06 -16.91
C MET A 358 0.42 12.03 -17.50
N GLU A 359 0.26 11.93 -18.82
CA GLU A 359 -1.09 11.95 -19.42
C GLU A 359 -1.82 10.65 -19.06
N PRO A 360 -1.23 9.45 -19.23
CA PRO A 360 -1.90 8.23 -18.79
C PRO A 360 -2.30 8.31 -17.31
N TYR A 361 -1.44 8.83 -16.43
CA TYR A 361 -1.81 8.95 -15.00
C TYR A 361 -3.01 9.90 -14.84
N ARG A 362 -3.05 10.97 -15.61
CA ARG A 362 -4.18 11.91 -15.53
C ARG A 362 -5.48 11.16 -15.83
N ILE A 363 -5.46 10.28 -16.81
CA ILE A 363 -6.67 9.51 -17.25
C ILE A 363 -7.04 8.46 -16.22
N PHE A 364 -6.06 7.69 -15.74
CA PHE A 364 -6.33 6.47 -14.94
C PHE A 364 -6.45 6.75 -13.44
N PHE A 365 -6.06 7.94 -12.97
CA PHE A 365 -6.18 8.32 -11.54
C PHE A 365 -7.05 9.57 -11.46
N PRO A 366 -8.34 9.48 -11.83
CA PRO A 366 -9.19 10.67 -11.91
C PRO A 366 -9.41 11.33 -10.56
N GLY A 367 -9.72 12.64 -10.59
CA GLY A 367 -9.90 13.41 -9.35
C GLY A 367 -8.60 13.51 -8.58
N SER A 368 -8.63 13.26 -7.27
CA SER A 368 -7.47 13.38 -6.36
C SER A 368 -7.08 11.98 -5.89
N HIS A 369 -5.96 11.48 -6.38
CA HIS A 369 -5.43 10.13 -6.02
C HIS A 369 -3.99 10.30 -5.58
N PRO A 370 -3.61 9.76 -4.40
CA PRO A 370 -2.24 9.98 -3.92
C PRO A 370 -1.15 9.45 -4.86
N VAL A 371 -1.42 8.38 -5.61
CA VAL A 371 -0.42 7.82 -6.55
C VAL A 371 -0.10 8.88 -7.60
N ARG A 372 -1.12 9.55 -8.13
CA ARG A 372 -0.88 10.61 -9.15
C ARG A 372 -0.17 11.79 -8.52
N GLY A 373 -0.61 12.23 -7.34
CA GLY A 373 0.03 13.35 -6.63
C GLY A 373 1.53 13.12 -6.51
N VAL A 374 1.93 11.95 -6.03
CA VAL A 374 3.36 11.61 -5.82
C VAL A 374 4.08 11.52 -7.18
N GLN A 375 3.45 10.94 -8.21
CA GLN A 375 4.09 10.82 -9.54
C GLN A 375 4.44 12.22 -10.06
N VAL A 376 3.48 13.13 -9.99
CA VAL A 376 3.62 14.54 -10.46
C VAL A 376 4.72 15.22 -9.63
N MET A 377 4.76 14.98 -8.33
CA MET A 377 5.84 15.56 -7.47
C MET A 377 7.20 15.03 -7.93
N LYS A 378 7.32 13.73 -8.21
CA LYS A 378 8.60 13.14 -8.67
C LYS A 378 9.04 13.81 -9.98
N VAL A 379 8.13 13.99 -10.93
CA VAL A 379 8.47 14.62 -12.23
C VAL A 379 8.87 16.09 -11.99
N GLY A 380 8.11 16.81 -11.17
CA GLY A 380 8.46 18.20 -10.79
C GLY A 380 9.86 18.25 -10.20
N LYS A 381 10.19 17.32 -9.31
CA LYS A 381 11.51 17.32 -8.64
C LYS A 381 12.60 17.05 -9.69
N LEU A 382 12.34 16.16 -10.66
CA LEU A 382 13.34 15.79 -11.70
C LEU A 382 13.58 17.01 -12.59
N GLN A 383 12.52 17.77 -12.87
CA GLN A 383 12.59 19.00 -13.69
C GLN A 383 13.39 20.06 -12.94
N LEU A 384 13.16 20.19 -11.62
CA LEU A 384 13.84 21.20 -10.77
C LEU A 384 15.35 20.89 -10.75
N HIS A 385 15.74 19.62 -10.65
CA HIS A 385 17.15 19.15 -10.63
C HIS A 385 17.88 19.53 -11.94
N GLN A 386 17.16 19.53 -13.06
CA GLN A 386 17.76 19.76 -14.41
C GLN A 386 17.51 21.22 -14.84
N GLY A 387 17.01 22.06 -13.93
CA GLY A 387 16.93 23.53 -14.11
C GLY A 387 15.79 23.96 -15.02
N MET A 388 14.79 23.09 -15.21
CA MET A 388 13.57 23.40 -15.99
C MET A 388 12.56 24.05 -15.04
N PHE A 389 12.82 25.27 -14.61
CA PHE A 389 12.19 25.88 -13.41
C PHE A 389 10.71 26.13 -13.66
N PRO A 390 10.28 26.73 -14.80
CA PRO A 390 8.87 27.00 -15.01
C PRO A 390 7.99 25.73 -15.07
N GLN A 391 8.51 24.67 -15.69
CA GLN A 391 7.77 23.37 -15.86
C GLN A 391 7.72 22.66 -14.50
N ALA A 392 8.84 22.67 -13.76
CA ALA A 392 8.96 22.13 -12.39
C ALA A 392 7.91 22.82 -11.50
N MET A 393 7.80 24.15 -11.56
CA MET A 393 6.85 24.91 -10.70
C MET A 393 5.42 24.49 -11.03
N LYS A 394 5.08 24.33 -12.31
CA LYS A 394 3.74 23.91 -12.77
C LYS A 394 3.43 22.54 -12.15
N ASN A 395 4.40 21.62 -12.20
CA ASN A 395 4.18 20.23 -11.73
C ASN A 395 4.16 20.20 -10.20
N LEU A 396 5.04 20.94 -9.53
CA LEU A 396 5.02 20.99 -8.05
C LEU A 396 3.70 21.61 -7.56
N ARG A 397 3.17 22.64 -8.23
CA ARG A 397 1.86 23.24 -7.89
C ARG A 397 0.72 22.22 -8.09
N LEU A 398 0.76 21.48 -9.19
CA LEU A 398 -0.25 20.43 -9.48
C LEU A 398 -0.16 19.34 -8.42
N ALA A 399 1.04 18.88 -8.10
CA ALA A 399 1.28 17.87 -7.03
C ALA A 399 0.66 18.41 -5.73
N PHE A 400 0.85 19.69 -5.42
CA PHE A 400 0.30 20.27 -4.17
C PHE A 400 -1.21 20.28 -4.25
N ASP A 401 -1.77 20.67 -5.39
CA ASP A 401 -3.25 20.68 -5.55
C ASP A 401 -3.82 19.29 -5.25
N ILE A 402 -3.18 18.23 -5.74
CA ILE A 402 -3.64 16.84 -5.48
C ILE A 402 -3.36 16.46 -4.02
N MET A 403 -2.14 16.65 -3.59
CA MET A 403 -1.68 16.10 -2.30
C MET A 403 -2.23 16.91 -1.12
N ARG A 404 -2.66 18.16 -1.31
CA ARG A 404 -3.35 18.86 -0.18
C ARG A 404 -4.61 18.09 0.18
N VAL A 405 -5.22 17.43 -0.80
CA VAL A 405 -6.44 16.60 -0.63
C VAL A 405 -6.07 15.19 -0.15
N THR A 406 -5.08 14.55 -0.77
CA THR A 406 -4.81 13.10 -0.56
C THR A 406 -3.89 12.86 0.65
N HIS A 407 -3.01 13.82 0.95
CA HIS A 407 -1.98 13.69 2.02
C HIS A 407 -2.34 14.62 3.18
N GLY A 408 -2.49 15.92 2.89
CA GLY A 408 -2.85 16.91 3.90
C GLY A 408 -1.68 17.35 4.76
N ARG A 409 -1.93 18.36 5.60
CA ARG A 409 -0.88 18.99 6.44
C ARG A 409 -0.30 17.96 7.42
N GLU A 410 -1.05 16.92 7.77
CA GLU A 410 -0.64 15.91 8.78
C GLU A 410 0.41 14.95 8.22
N HIS A 411 0.63 14.95 6.90
CA HIS A 411 1.61 14.08 6.21
C HIS A 411 2.92 14.84 5.99
N SER A 412 4.04 14.24 6.40
CA SER A 412 5.39 14.84 6.33
C SER A 412 5.79 15.14 4.88
N LEU A 413 5.25 14.41 3.89
CA LEU A 413 5.61 14.68 2.47
C LEU A 413 5.06 16.05 2.03
N ILE A 414 3.97 16.53 2.62
CA ILE A 414 3.38 17.85 2.25
C ILE A 414 4.33 18.95 2.76
N GLU A 415 4.94 18.75 3.92
CA GLU A 415 5.97 19.70 4.44
C GLU A 415 7.13 19.77 3.44
N ASP A 416 7.62 18.63 2.94
CA ASP A 416 8.73 18.54 1.94
C ASP A 416 8.33 19.23 0.63
N LEU A 417 7.05 19.13 0.24
CA LEU A 417 6.60 19.71 -1.04
C LEU A 417 6.50 21.23 -0.86
N ILE A 418 6.03 21.69 0.30
CA ILE A 418 5.94 23.15 0.58
C ILE A 418 7.34 23.76 0.48
N LEU A 419 8.40 23.00 0.79
CA LEU A 419 9.81 23.45 0.64
C LEU A 419 10.21 23.50 -0.85
N LEU A 420 9.94 22.45 -1.64
CA LEU A 420 10.24 22.45 -3.10
C LEU A 420 9.53 23.65 -3.78
N LEU A 421 8.31 23.99 -3.32
CA LEU A 421 7.50 25.07 -3.93
C LEU A 421 8.13 26.42 -3.61
N GLU A 422 8.52 26.65 -2.35
CA GLU A 422 9.21 27.89 -1.90
C GLU A 422 10.52 28.06 -2.69
N GLU A 423 11.31 26.99 -2.84
CA GLU A 423 12.58 27.01 -3.63
C GLU A 423 12.27 27.41 -5.07
N CYS A 424 11.45 26.61 -5.77
CA CYS A 424 11.07 26.83 -7.19
C CYS A 424 10.52 28.24 -7.39
N ASP A 425 9.76 28.76 -6.42
CA ASP A 425 9.12 30.11 -6.45
C ASP A 425 10.21 31.20 -6.45
N ALA A 426 11.20 31.06 -5.55
CA ALA A 426 12.35 31.98 -5.38
C ALA A 426 13.18 32.05 -6.67
N ASN A 427 13.42 30.90 -7.32
CA ASN A 427 14.11 30.80 -8.63
C ASN A 427 13.34 31.62 -9.69
N ILE A 428 12.00 31.51 -9.70
CA ILE A 428 11.09 32.20 -10.65
C ILE A 428 11.10 33.70 -10.35
N ARG A 429 11.01 34.09 -9.06
CA ARG A 429 11.12 35.49 -8.58
C ARG A 429 12.45 36.11 -9.03
N ALA A 430 13.55 35.33 -8.97
CA ALA A 430 14.91 35.73 -9.35
C ALA A 430 14.99 35.92 -10.87
#